data_9L8Q
#
_entry.id   9L8Q
#
_cell.length_a   36.603
_cell.length_b   43.794
_cell.length_c   66.006
_cell.angle_alpha   90.00
_cell.angle_beta   94.09
_cell.angle_gamma   90.00
#
_symmetry.space_group_name_H-M   'P 1 21 1'
#
loop_
_entity.id
_entity.type
_entity.pdbx_description
1 polymer 'Kelch-like ECH-associated protein 1'
2 non-polymer "(S)-2,2'-(5,5,9,9-tetraoxido-2,12,17-trioxo-11-oxa-5,9-dithia-3,6,8-triaza-1(2,1)-pyrrolidina-7(1,4)-naphthalena-4(1,4),10(1,3)-dibenzenacycloheptadecaphane-6,8-diyl)diacetamide"
3 water water
#
_entity_poly.entity_id   1
_entity_poly.type   'polypeptide(L)'
_entity_poly.pdbx_seq_one_letter_code
;PKVGRLIYTAGGYFRQSLSYLEAYNPSDGTWLRLADLQVPRSGLAGCVVGGLLYAVGGRNNSPDGNTDSSALDCYNPMTN
QWSPCAPMSVPRNRIGVGVIDGHIYAVGGSHGCIHHNSVERYEPERDEWHLVAPMLTRRIGVGVAVLNRLLYAVGGFDGT
NRLNSAECYYPERNEWRMITAMNTIRSGAGVCVLHNCIYAAGGYDGQDQLNSVERYDVETETWTFVAPMKHRRSALGITV
HQGRIYVLGGYDGHTFLDSVECYDPDTDTWSEVTRMTSGRSGVGVAVT
;
_entity_poly.pdbx_strand_id   A
#
loop_
_chem_comp.id
_chem_comp.type
_chem_comp.name
_chem_comp.formula
A1EJB non-polymer (S)-2,2'-(5,5,9,9-tetraoxido-2,12,17-trioxo-11-oxa-5,9-dithia-3,6,8-triaza-1(2,1)-pyrrolidina-7(1,4)-naphthalena-4(1,4),10(1,3)-dibenzenacycloheptadecaphane-6,8-diyl)diacetamide 'C37 H38 N6 O10 S2'
#
# COMPACT_ATOMS: atom_id res chain seq x y z
N GLY A 4 -10.74 2.23 18.91
CA GLY A 4 -10.46 0.81 19.10
C GLY A 4 -10.07 0.07 17.83
N ARG A 5 -9.95 0.81 16.73
CA ARG A 5 -9.55 0.25 15.45
C ARG A 5 -8.18 -0.42 15.56
N LEU A 6 -7.87 -1.25 14.57
CA LEU A 6 -6.64 -2.02 14.59
C LEU A 6 -5.85 -1.78 13.32
N ILE A 7 -4.57 -2.08 13.40
CA ILE A 7 -3.70 -2.14 12.23
C ILE A 7 -3.52 -3.60 11.89
N TYR A 8 -4.03 -4.02 10.73
CA TYR A 8 -3.74 -5.34 10.20
C TYR A 8 -2.57 -5.26 9.23
N THR A 9 -1.61 -6.17 9.40
CA THR A 9 -0.63 -6.54 8.40
C THR A 9 -0.96 -7.94 7.92
N ALA A 10 -0.99 -8.11 6.60
CA ALA A 10 -1.42 -9.33 5.94
C ALA A 10 -0.34 -9.78 4.97
N GLY A 11 -0.01 -11.08 5.01
CA GLY A 11 1.01 -11.62 4.11
C GLY A 11 2.37 -10.99 4.34
N GLY A 12 3.18 -10.98 3.30
CA GLY A 12 4.51 -10.42 3.35
C GLY A 12 5.56 -11.47 3.08
N TYR A 13 6.82 -11.05 3.15
CA TYR A 13 7.92 -11.89 2.67
C TYR A 13 8.95 -12.18 3.74
N PHE A 14 9.21 -13.43 4.02
CA PHE A 14 10.37 -13.71 4.92
C PHE A 14 11.21 -14.84 4.30
N SER A 17 7.21 -15.72 1.10
CA SER A 17 5.81 -15.26 1.07
C SER A 17 5.07 -15.81 2.26
N LEU A 18 4.47 -14.90 3.03
CA LEU A 18 3.97 -15.20 4.35
C LEU A 18 2.46 -15.26 4.36
N SER A 19 1.93 -16.06 5.29
CA SER A 19 0.49 -16.15 5.45
C SER A 19 -0.03 -15.39 6.66
N TYR A 20 0.86 -14.78 7.45
CA TYR A 20 0.42 -14.14 8.69
C TYR A 20 -0.60 -13.05 8.40
N LEU A 21 -1.65 -13.01 9.22
CA LEU A 21 -2.52 -11.85 9.40
C LEU A 21 -2.43 -11.52 10.89
N GLU A 22 -1.78 -10.40 11.22
CA GLU A 22 -1.57 -9.99 12.59
C GLU A 22 -2.14 -8.60 12.74
N ALA A 23 -2.69 -8.30 13.93
CA ALA A 23 -3.33 -7.02 14.19
C ALA A 23 -2.67 -6.36 15.39
N TYR A 24 -2.31 -5.10 15.25
CA TYR A 24 -1.63 -4.31 16.28
C TYR A 24 -2.56 -3.24 16.86
N ASN A 25 -2.56 -3.11 18.17
CA ASN A 25 -3.32 -2.01 18.75
C ASN A 25 -2.35 -0.93 19.21
N PRO A 26 -2.23 0.19 18.51
CA PRO A 26 -1.29 1.24 18.96
C PRO A 26 -1.60 1.81 20.34
N SER A 27 -2.81 1.57 20.90
CA SER A 27 -3.16 2.08 22.22
C SER A 27 -2.67 1.20 23.37
N ASP A 28 -2.03 0.07 23.11
CA ASP A 28 -1.62 -0.75 24.23
C ASP A 28 -0.49 -1.71 23.87
N GLY A 29 0.08 -1.56 22.67
CA GLY A 29 1.19 -2.40 22.26
C GLY A 29 0.92 -3.88 22.12
N THR A 30 -0.35 -4.30 22.09
CA THR A 30 -0.65 -5.71 21.93
C THR A 30 -0.78 -6.07 20.45
N TRP A 31 -0.13 -7.16 20.08
CA TRP A 31 -0.32 -7.80 18.80
C TRP A 31 -1.30 -8.96 18.98
N LEU A 32 -2.06 -9.26 17.93
CA LEU A 32 -2.86 -10.48 17.87
C LEU A 32 -2.59 -11.17 16.55
N ARG A 33 -2.41 -12.48 16.59
CA ARG A 33 -2.30 -13.24 15.34
C ARG A 33 -3.66 -13.81 14.98
N LEU A 34 -4.09 -13.58 13.74
CA LEU A 34 -5.43 -13.95 13.33
C LEU A 34 -5.32 -15.07 12.31
N ALA A 35 -6.41 -15.37 11.63
CA ALA A 35 -6.43 -16.48 10.68
C ALA A 35 -5.50 -16.17 9.52
N ASP A 36 -4.76 -17.19 9.08
CA ASP A 36 -3.77 -17.04 8.01
C ASP A 36 -4.42 -16.65 6.68
N LEU A 37 -3.62 -16.03 5.81
CA LEU A 37 -4.00 -15.91 4.40
C LEU A 37 -4.20 -17.28 3.76
N GLN A 38 -5.34 -17.47 3.10
CA GLN A 38 -5.55 -18.71 2.36
C GLN A 38 -4.31 -19.12 1.58
N VAL A 39 -3.75 -18.18 0.81
CA VAL A 39 -2.54 -18.41 0.01
C VAL A 39 -1.50 -17.37 0.41
N PRO A 40 -0.32 -17.77 0.88
CA PRO A 40 0.74 -16.81 1.18
C PRO A 40 0.87 -15.82 0.01
N ARG A 41 1.22 -14.58 0.34
CA ARG A 41 1.43 -13.58 -0.70
C ARG A 41 2.36 -12.50 -0.15
N SER A 42 3.32 -12.07 -0.96
CA SER A 42 4.06 -10.83 -0.77
C SER A 42 3.81 -9.97 -1.98
N GLY A 43 4.07 -8.67 -1.86
CA GLY A 43 3.81 -7.78 -2.96
C GLY A 43 2.35 -7.44 -3.12
N LEU A 44 1.52 -7.74 -2.12
CA LEU A 44 0.09 -7.49 -2.15
C LEU A 44 -0.22 -6.18 -1.47
N ALA A 45 -1.43 -5.69 -1.70
CA ALA A 45 -1.92 -4.52 -0.98
C ALA A 45 -3.10 -4.93 -0.11
N GLY A 46 -3.34 -4.13 0.92
CA GLY A 46 -4.52 -4.27 1.74
C GLY A 46 -5.36 -3.01 1.69
N CYS A 47 -6.63 -3.11 2.07
CA CYS A 47 -7.56 -1.98 2.13
C CYS A 47 -8.83 -2.45 2.79
N VAL A 48 -9.63 -1.52 3.30
CA VAL A 48 -10.83 -1.87 4.05
C VAL A 48 -12.06 -1.26 3.38
N VAL A 49 -13.15 -2.03 3.36
CA VAL A 49 -14.46 -1.58 2.89
C VAL A 49 -15.48 -2.12 3.89
N GLY A 50 -16.29 -1.23 4.46
CA GLY A 50 -17.37 -1.64 5.33
C GLY A 50 -16.98 -2.62 6.42
N GLY A 51 -15.85 -2.35 7.07
CA GLY A 51 -15.35 -3.24 8.10
C GLY A 51 -14.58 -4.44 7.60
N LEU A 52 -14.60 -4.73 6.30
CA LEU A 52 -13.95 -5.90 5.73
C LEU A 52 -12.55 -5.55 5.25
N LEU A 53 -11.62 -6.46 5.51
CA LEU A 53 -10.24 -6.31 5.08
C LEU A 53 -9.99 -7.20 3.86
N TYR A 54 -9.59 -6.57 2.74
CA TYR A 54 -9.30 -7.28 1.50
C TYR A 54 -7.81 -7.26 1.26
N ALA A 55 -7.25 -8.41 0.84
CA ALA A 55 -5.86 -8.57 0.44
C ALA A 55 -5.81 -8.84 -1.06
N VAL A 56 -4.99 -8.07 -1.79
CA VAL A 56 -5.07 -7.97 -3.25
C VAL A 56 -3.70 -8.22 -3.87
N GLY A 57 -3.69 -9.02 -4.93
CA GLY A 57 -2.48 -9.14 -5.73
C GLY A 57 -1.36 -9.83 -4.99
N GLY A 58 -0.13 -9.37 -5.25
CA GLY A 58 1.04 -10.00 -4.65
C GLY A 58 1.52 -11.21 -5.41
N ARG A 59 2.30 -12.04 -4.73
CA ARG A 59 2.71 -13.29 -5.33
C ARG A 59 2.95 -14.33 -4.24
N ASN A 60 2.93 -15.59 -4.64
CA ASN A 60 3.10 -16.71 -3.74
C ASN A 60 4.50 -17.30 -3.89
N THR A 67 5.02 -17.45 -8.67
CA THR A 67 3.85 -17.20 -9.50
C THR A 67 3.10 -15.94 -9.03
N ASP A 68 2.84 -15.00 -9.94
CA ASP A 68 2.06 -13.84 -9.58
C ASP A 68 0.59 -14.21 -9.35
N SER A 69 -0.11 -13.34 -8.65
CA SER A 69 -1.43 -13.63 -8.13
C SER A 69 -2.43 -12.59 -8.59
N SER A 70 -3.61 -13.06 -8.96
CA SER A 70 -4.76 -12.22 -9.25
C SER A 70 -5.78 -12.27 -8.12
N ALA A 71 -5.42 -12.95 -7.02
CA ALA A 71 -6.37 -13.27 -5.96
C ALA A 71 -6.82 -12.01 -5.23
N LEU A 72 -8.10 -11.98 -4.93
CA LEU A 72 -8.68 -11.02 -3.99
C LEU A 72 -9.37 -11.84 -2.93
N ASP A 73 -8.88 -11.77 -1.70
CA ASP A 73 -9.50 -12.44 -0.57
C ASP A 73 -10.01 -11.38 0.40
N CYS A 74 -11.05 -11.73 1.13
CA CYS A 74 -11.70 -10.82 2.06
C CYS A 74 -11.67 -11.43 3.45
N TYR A 75 -11.19 -10.66 4.42
CA TYR A 75 -11.14 -11.10 5.81
C TYR A 75 -12.19 -10.33 6.60
N ASN A 76 -12.90 -11.03 7.46
CA ASN A 76 -13.95 -10.40 8.22
C ASN A 76 -13.61 -10.46 9.70
N PRO A 77 -13.26 -9.32 10.31
CA PRO A 77 -12.93 -9.36 11.75
C PRO A 77 -14.02 -10.02 12.58
N MET A 78 -15.28 -9.80 12.22
CA MET A 78 -16.43 -10.35 12.94
C MET A 78 -16.49 -11.87 12.85
N THR A 79 -15.74 -12.49 11.96
CA THR A 79 -15.75 -13.94 11.87
C THR A 79 -14.35 -14.55 11.88
N ASN A 80 -13.31 -13.73 11.93
CA ASN A 80 -11.93 -14.19 11.78
C ASN A 80 -11.81 -15.22 10.67
N GLN A 81 -12.46 -14.97 9.53
CA GLN A 81 -12.45 -15.94 8.45
C GLN A 81 -12.11 -15.23 7.14
N TRP A 82 -11.23 -15.83 6.34
CA TRP A 82 -10.87 -15.32 5.02
C TRP A 82 -11.77 -15.93 3.95
N SER A 83 -12.48 -15.09 3.21
CA SER A 83 -13.45 -15.46 2.17
C SER A 83 -12.91 -15.16 0.78
N PRO A 84 -13.03 -16.09 -0.18
CA PRO A 84 -12.58 -15.80 -1.55
C PRO A 84 -13.52 -14.83 -2.22
N CYS A 85 -12.93 -13.94 -3.02
CA CYS A 85 -13.61 -13.01 -3.91
C CYS A 85 -13.21 -13.28 -5.36
N ALA A 86 -13.95 -12.71 -6.28
CA ALA A 86 -13.60 -12.86 -7.69
C ALA A 86 -12.18 -12.36 -7.91
N PRO A 87 -11.38 -13.06 -8.72
CA PRO A 87 -10.00 -12.61 -8.96
C PRO A 87 -9.92 -11.46 -9.95
N MET A 88 -8.81 -10.72 -9.89
CA MET A 88 -8.65 -9.58 -10.76
C MET A 88 -8.55 -10.06 -12.21
N SER A 89 -8.75 -9.15 -13.18
CA SER A 89 -8.72 -9.57 -14.58
C SER A 89 -7.35 -10.09 -15.00
N VAL A 90 -6.28 -9.76 -14.26
CA VAL A 90 -4.91 -10.22 -14.46
C VAL A 90 -4.15 -10.27 -13.14
N PRO A 91 -3.11 -11.08 -13.04
CA PRO A 91 -2.24 -11.00 -11.86
C PRO A 91 -1.63 -9.62 -11.73
N ARG A 92 -1.41 -9.20 -10.48
CA ARG A 92 -0.80 -7.89 -10.25
C ARG A 92 0.05 -8.03 -8.98
N ASN A 93 1.34 -8.33 -9.17
CA ASN A 93 2.34 -8.32 -8.10
C ASN A 93 2.92 -6.91 -7.98
N ARG A 94 3.28 -6.54 -6.75
CA ARG A 94 3.80 -5.20 -6.48
C ARG A 94 2.75 -4.16 -6.79
N ILE A 95 1.52 -4.50 -6.45
CA ILE A 95 0.30 -3.76 -6.77
C ILE A 95 0.18 -2.61 -5.81
N GLY A 96 -0.77 -1.72 -6.06
CA GLY A 96 -1.19 -0.76 -5.06
C GLY A 96 -2.68 -0.55 -5.23
N VAL A 97 -3.36 -0.23 -4.12
CA VAL A 97 -4.80 -0.23 -4.18
C VAL A 97 -5.32 1.05 -3.54
N GLY A 98 -6.55 1.41 -3.90
CA GLY A 98 -7.26 2.48 -3.22
C GLY A 98 -8.74 2.17 -3.25
N VAL A 99 -9.48 2.83 -2.35
CA VAL A 99 -10.93 2.68 -2.29
C VAL A 99 -11.57 4.03 -2.58
N ILE A 100 -12.64 4.00 -3.36
CA ILE A 100 -13.49 5.16 -3.65
C ILE A 100 -14.91 4.64 -3.67
N ASP A 101 -15.79 5.23 -2.87
CA ASP A 101 -17.23 4.88 -2.88
C ASP A 101 -17.42 3.35 -2.70
N GLY A 102 -16.69 2.74 -1.76
CA GLY A 102 -16.81 1.28 -1.51
C GLY A 102 -16.24 0.42 -2.62
N HIS A 103 -15.67 1.03 -3.65
CA HIS A 103 -15.06 0.28 -4.77
C HIS A 103 -13.54 0.15 -4.62
N ILE A 104 -13.04 -1.06 -4.81
CA ILE A 104 -11.58 -1.30 -4.73
C ILE A 104 -10.91 -1.04 -6.09
N TYR A 105 -10.07 -0.02 -6.15
CA TYR A 105 -9.26 0.21 -7.34
C TYR A 105 -7.90 -0.46 -7.12
N ALA A 106 -7.53 -1.35 -8.04
CA ALA A 106 -6.24 -2.01 -8.02
C ALA A 106 -5.42 -1.51 -9.21
N VAL A 107 -4.32 -0.82 -8.96
CA VAL A 107 -3.61 -0.14 -10.05
C VAL A 107 -2.21 -0.74 -10.19
N GLY A 108 -1.82 -0.94 -11.45
CA GLY A 108 -0.44 -1.27 -11.71
C GLY A 108 -0.09 -2.69 -11.32
N GLY A 109 1.13 -2.87 -10.90
CA GLY A 109 1.63 -4.20 -10.68
C GLY A 109 2.27 -4.75 -11.92
N SER A 110 2.76 -5.96 -11.78
CA SER A 110 3.43 -6.70 -12.85
C SER A 110 2.87 -8.11 -12.94
N HIS A 111 2.66 -8.58 -14.16
CA HIS A 111 2.39 -9.99 -14.41
C HIS A 111 3.57 -10.50 -15.22
N GLY A 112 4.55 -11.08 -14.51
CA GLY A 112 5.76 -11.57 -15.16
C GLY A 112 6.53 -10.40 -15.72
N CYS A 113 6.79 -10.45 -17.02
CA CYS A 113 7.40 -9.32 -17.71
C CYS A 113 6.39 -8.23 -18.10
N ILE A 114 5.09 -8.43 -17.85
CA ILE A 114 4.08 -7.43 -18.22
C ILE A 114 3.98 -6.45 -17.05
N HIS A 115 4.46 -5.23 -17.28
CA HIS A 115 4.39 -4.14 -16.31
C HIS A 115 3.08 -3.39 -16.50
N HIS A 116 2.21 -3.43 -15.49
CA HIS A 116 0.85 -2.98 -15.68
C HIS A 116 0.79 -1.48 -15.63
N ASN A 117 0.08 -0.92 -16.61
CA ASN A 117 -0.47 0.42 -16.48
C ASN A 117 -1.99 0.40 -16.37
N SER A 118 -2.61 -0.76 -16.51
CA SER A 118 -4.05 -0.86 -16.37
C SER A 118 -4.46 -0.76 -14.91
N VAL A 119 -5.69 -0.30 -14.72
CA VAL A 119 -6.35 -0.17 -13.43
C VAL A 119 -7.74 -0.82 -13.56
N GLU A 120 -8.12 -1.62 -12.54
CA GLU A 120 -9.45 -2.25 -12.51
C GLU A 120 -10.08 -2.10 -11.14
N ARG A 121 -11.40 -2.01 -11.14
CA ARG A 121 -12.19 -1.62 -9.99
C ARG A 121 -13.13 -2.76 -9.59
N TYR A 122 -13.09 -3.13 -8.31
CA TYR A 122 -13.95 -4.16 -7.75
C TYR A 122 -15.10 -3.49 -7.00
N GLU A 123 -16.33 -3.89 -7.33
CA GLU A 123 -17.51 -3.53 -6.55
C GLU A 123 -17.89 -4.74 -5.70
N PRO A 124 -17.65 -4.71 -4.38
CA PRO A 124 -18.07 -5.85 -3.57
C PRO A 124 -19.53 -6.21 -3.72
N GLU A 125 -20.41 -5.22 -3.93
CA GLU A 125 -21.84 -5.51 -4.03
C GLU A 125 -22.12 -6.60 -5.08
N ARG A 126 -21.42 -6.56 -6.22
CA ARG A 126 -21.64 -7.54 -7.29
C ARG A 126 -20.54 -8.60 -7.37
N ASP A 127 -19.56 -8.56 -6.47
CA ASP A 127 -18.35 -9.41 -6.56
C ASP A 127 -17.69 -9.37 -7.94
N GLU A 128 -17.71 -8.21 -8.60
CA GLU A 128 -17.27 -8.10 -10.00
C GLU A 128 -16.13 -7.09 -10.14
N TRP A 129 -15.09 -7.50 -10.87
CA TRP A 129 -14.01 -6.62 -11.26
C TRP A 129 -14.32 -6.01 -12.62
N HIS A 130 -14.01 -4.74 -12.78
CA HIS A 130 -14.25 -4.09 -14.06
C HIS A 130 -13.14 -3.10 -14.36
N LEU A 131 -12.71 -3.06 -15.63
CA LEU A 131 -11.59 -2.23 -16.04
C LEU A 131 -11.94 -0.75 -16.01
N VAL A 132 -10.92 0.08 -15.80
CA VAL A 132 -11.11 1.52 -15.92
C VAL A 132 -10.00 2.07 -16.81
N ALA A 133 -9.92 3.38 -16.93
CA ALA A 133 -8.88 3.98 -17.76
C ALA A 133 -7.50 3.65 -17.21
N PRO A 134 -6.62 3.02 -17.99
CA PRO A 134 -5.26 2.75 -17.50
C PRO A 134 -4.50 4.04 -17.21
N MET A 135 -3.32 3.90 -16.59
CA MET A 135 -2.55 5.07 -16.18
C MET A 135 -1.74 5.60 -17.37
N LEU A 136 -1.14 6.77 -17.16
CA LEU A 136 -0.22 7.28 -18.16
C LEU A 136 1.08 6.50 -18.19
N THR A 137 1.36 5.71 -17.16
CA THR A 137 2.65 5.02 -17.06
C THR A 137 2.46 3.65 -16.44
N ARG A 138 3.22 2.67 -16.94
CA ARG A 138 3.28 1.38 -16.24
C ARG A 138 4.01 1.59 -14.91
N ARG A 139 3.45 1.06 -13.82
CA ARG A 139 4.04 1.29 -12.50
C ARG A 139 3.93 -0.02 -11.72
N ILE A 140 5.04 -0.77 -11.66
CA ILE A 140 5.15 -1.90 -10.74
C ILE A 140 5.83 -1.38 -9.47
N GLY A 141 5.33 -1.81 -8.31
CA GLY A 141 5.79 -1.23 -7.07
C GLY A 141 5.20 0.14 -6.80
N VAL A 142 3.99 0.40 -7.32
CA VAL A 142 3.34 1.70 -7.24
C VAL A 142 2.80 1.93 -5.83
N GLY A 143 2.76 3.19 -5.44
CA GLY A 143 2.11 3.61 -4.19
C GLY A 143 0.78 4.27 -4.48
N VAL A 144 -0.24 3.92 -3.70
CA VAL A 144 -1.59 4.40 -3.95
C VAL A 144 -2.23 4.87 -2.66
N ALA A 145 -2.97 5.98 -2.77
CA ALA A 145 -3.80 6.53 -1.70
C ALA A 145 -4.88 7.36 -2.38
N VAL A 146 -5.93 7.66 -1.63
CA VAL A 146 -7.09 8.35 -2.16
C VAL A 146 -7.45 9.52 -1.24
N LEU A 147 -7.71 10.68 -1.83
CA LEU A 147 -8.01 11.89 -1.07
C LEU A 147 -9.35 12.44 -1.55
N ASN A 148 -10.42 12.20 -0.78
CA ASN A 148 -11.77 12.64 -1.15
C ASN A 148 -12.06 12.32 -2.61
N ARG A 149 -11.87 11.05 -2.98
CA ARG A 149 -12.33 10.48 -4.25
C ARG A 149 -11.42 10.82 -5.41
N LEU A 150 -10.23 11.31 -5.14
CA LEU A 150 -9.17 11.35 -6.13
C LEU A 150 -8.20 10.22 -5.77
N LEU A 151 -7.88 9.37 -6.75
CA LEU A 151 -6.95 8.29 -6.54
C LEU A 151 -5.58 8.69 -7.08
N TYR A 152 -4.55 8.48 -6.26
CA TYR A 152 -3.18 8.83 -6.64
C TYR A 152 -2.33 7.57 -6.78
N ALA A 153 -1.55 7.52 -7.84
CA ALA A 153 -0.54 6.48 -8.03
C ALA A 153 0.81 7.17 -8.12
N VAL A 154 1.73 6.71 -7.29
CA VAL A 154 2.96 7.42 -6.99
C VAL A 154 4.14 6.48 -7.17
N GLY A 155 5.12 6.92 -7.96
CA GLY A 155 6.35 6.17 -8.02
C GLY A 155 6.18 4.86 -8.76
N GLY A 156 7.04 3.92 -8.44
CA GLY A 156 7.04 2.66 -9.11
C GLY A 156 8.17 2.59 -10.10
N PHE A 157 8.08 1.63 -11.00
CA PHE A 157 9.13 1.34 -11.96
C PHE A 157 8.45 0.83 -13.23
N ASP A 158 8.68 1.45 -14.39
CA ASP A 158 7.90 1.13 -15.62
C ASP A 158 8.46 0.01 -16.48
N GLY A 159 9.43 -0.75 -15.99
CA GLY A 159 10.09 -1.74 -16.82
C GLY A 159 11.39 -1.28 -17.41
N THR A 160 11.88 -0.11 -17.00
CA THR A 160 12.97 0.58 -17.66
C THR A 160 13.49 1.70 -16.77
N ASN A 161 12.54 2.49 -16.28
CA ASN A 161 12.94 3.64 -15.44
C ASN A 161 12.28 3.64 -14.07
N LEU A 163 10.66 5.70 -11.15
CA LEU A 163 9.79 6.85 -11.41
C LEU A 163 9.74 7.78 -10.21
N ASN A 164 10.01 9.07 -10.45
CA ASN A 164 9.61 10.16 -9.56
C ASN A 164 8.23 10.68 -9.90
N SER A 165 7.71 10.27 -11.05
CA SER A 165 6.42 10.73 -11.53
C SER A 165 5.31 10.28 -10.62
N ALA A 166 4.25 11.07 -10.60
CA ALA A 166 3.00 10.71 -9.94
C ALA A 166 1.85 11.12 -10.83
N GLU A 167 0.70 10.48 -10.65
CA GLU A 167 -0.47 10.82 -11.44
C GLU A 167 -1.74 10.58 -10.64
N CYS A 168 -2.83 11.20 -11.09
CA CYS A 168 -4.07 11.26 -10.34
C CYS A 168 -5.25 10.82 -11.19
N TYR A 169 -6.15 10.03 -10.58
CA TYR A 169 -7.34 9.50 -11.26
C TYR A 169 -8.59 10.11 -10.64
N TYR A 170 -9.43 10.74 -11.49
CA TYR A 170 -10.73 11.24 -11.05
C TYR A 170 -11.76 10.23 -11.47
N PRO A 171 -12.57 9.67 -10.57
CA PRO A 171 -13.37 8.49 -10.96
C PRO A 171 -14.44 8.80 -12.00
N GLU A 172 -15.07 9.91 -11.90
CA GLU A 172 -16.10 10.32 -12.87
C GLU A 172 -15.41 10.86 -14.14
N ASN A 174 -13.04 9.29 -15.45
CA ASN A 174 -12.28 8.17 -15.99
C ASN A 174 -11.08 8.64 -16.79
N GLU A 175 -10.30 9.56 -16.21
CA GLU A 175 -9.06 9.94 -16.85
C GLU A 175 -8.00 10.21 -15.79
N TRP A 176 -6.79 9.76 -16.10
CA TRP A 176 -5.60 9.97 -15.30
C TRP A 176 -4.89 11.25 -15.75
N ARG A 177 -4.36 12.00 -14.78
CA ARG A 177 -3.65 13.24 -15.04
C ARG A 177 -2.34 13.21 -14.28
N MET A 178 -1.23 13.44 -14.98
CA MET A 178 0.05 13.60 -14.30
C MET A 178 -0.07 14.69 -13.24
N ILE A 179 0.61 14.49 -12.11
CA ILE A 179 0.71 15.57 -11.12
C ILE A 179 2.17 15.96 -10.97
N THR A 180 2.46 16.86 -10.03
CA THR A 180 3.83 17.23 -9.73
C THR A 180 4.66 16.00 -9.43
N ALA A 181 5.84 15.90 -10.05
CA ALA A 181 6.75 14.79 -9.71
C ALA A 181 7.36 15.00 -8.33
N MET A 182 7.74 13.88 -7.71
CA MET A 182 8.42 13.87 -6.42
C MET A 182 9.81 14.48 -6.56
N ASN A 183 10.42 14.75 -5.40
CA ASN A 183 11.84 15.08 -5.34
C ASN A 183 12.72 13.85 -5.50
N THR A 184 12.15 12.65 -5.39
CA THR A 184 12.89 11.40 -5.31
C THR A 184 12.26 10.37 -6.22
N ILE A 185 13.11 9.56 -6.85
CA ILE A 185 12.67 8.36 -7.55
C ILE A 185 12.34 7.31 -6.50
N ARG A 186 11.12 6.80 -6.52
CA ARG A 186 10.70 5.77 -5.56
C ARG A 186 9.87 4.70 -6.25
N SER A 187 10.36 3.46 -6.20
CA SER A 187 9.51 2.28 -6.31
C SER A 187 9.35 1.66 -4.91
N GLY A 188 8.32 0.84 -4.74
CA GLY A 188 8.14 0.17 -3.44
C GLY A 188 8.00 1.11 -2.26
N ALA A 189 7.35 2.25 -2.46
CA ALA A 189 7.23 3.26 -1.43
C ALA A 189 5.89 3.13 -0.73
N GLY A 190 5.90 3.24 0.60
CA GLY A 190 4.67 3.37 1.34
C GLY A 190 4.00 4.71 1.03
N VAL A 191 2.77 4.68 0.53
CA VAL A 191 2.05 5.89 0.14
C VAL A 191 0.75 5.97 0.92
N CYS A 192 0.46 7.13 1.47
CA CYS A 192 -0.82 7.26 2.14
C CYS A 192 -1.32 8.68 2.01
N VAL A 193 -2.55 8.88 2.44
CA VAL A 193 -3.13 10.20 2.68
C VAL A 193 -3.24 10.38 4.18
N LEU A 194 -2.77 11.51 4.66
CA LEU A 194 -3.04 11.94 6.04
C LEU A 194 -3.45 13.40 5.97
N HIS A 195 -4.65 13.69 6.46
CA HIS A 195 -5.24 15.03 6.35
C HIS A 195 -5.42 15.34 4.87
N ASN A 196 -4.86 16.42 4.34
CA ASN A 196 -5.05 16.72 2.93
C ASN A 196 -3.75 16.53 2.16
N CYS A 197 -2.86 15.70 2.68
CA CYS A 197 -1.56 15.51 2.08
C CYS A 197 -1.37 14.05 1.73
N ILE A 198 -0.53 13.81 0.75
CA ILE A 198 -0.20 12.47 0.29
C ILE A 198 1.26 12.26 0.67
N TYR A 199 1.53 11.20 1.42
CA TYR A 199 2.88 10.89 1.84
C TYR A 199 3.45 9.78 0.98
N ALA A 200 4.71 9.92 0.60
CA ALA A 200 5.46 8.89 -0.09
C ALA A 200 6.69 8.62 0.78
N ALA A 201 6.57 7.63 1.67
CA ALA A 201 7.64 7.28 2.60
C ALA A 201 8.44 6.09 2.05
N GLY A 202 9.76 6.20 2.12
CA GLY A 202 10.62 5.09 1.74
C GLY A 202 10.64 4.90 0.23
N GLY A 203 11.05 3.70 -0.16
CA GLY A 203 11.14 3.33 -1.55
C GLY A 203 12.55 2.90 -1.93
N TYR A 204 12.74 2.75 -3.23
CA TYR A 204 13.99 2.27 -3.81
C TYR A 204 14.22 3.13 -5.04
N ASP A 205 15.35 3.85 -5.07
CA ASP A 205 15.57 4.82 -6.13
C ASP A 205 16.33 4.19 -7.30
N GLY A 206 16.56 2.88 -7.26
CA GLY A 206 17.43 2.17 -8.18
C GLY A 206 18.71 1.68 -7.53
N GLN A 207 19.12 2.35 -6.45
CA GLN A 207 20.39 2.18 -5.77
C GLN A 207 20.20 1.81 -4.30
N ASP A 208 19.49 2.65 -3.56
CA ASP A 208 19.40 2.58 -2.11
C ASP A 208 17.94 2.49 -1.68
N GLN A 209 17.71 1.78 -0.59
CA GLN A 209 16.48 2.02 0.15
C GLN A 209 16.50 3.44 0.69
N LEU A 210 15.33 4.04 0.74
CA LEU A 210 15.17 5.40 1.19
C LEU A 210 14.62 5.40 2.61
N ASN A 211 15.12 6.35 3.43
CA ASN A 211 14.44 6.65 4.67
C ASN A 211 13.70 7.97 4.61
N SER A 212 13.85 8.71 3.51
CA SER A 212 13.23 10.02 3.40
C SER A 212 11.77 9.87 3.01
N VAL A 213 10.99 10.86 3.39
CA VAL A 213 9.54 10.87 3.25
C VAL A 213 9.17 12.23 2.70
N GLU A 214 8.39 12.25 1.61
CA GLU A 214 7.83 13.50 1.13
C GLU A 214 6.31 13.42 1.14
N ARG A 215 5.67 14.57 1.29
CA ARG A 215 4.22 14.64 1.25
C ARG A 215 3.82 15.68 0.22
N TYR A 216 2.83 15.32 -0.61
CA TYR A 216 2.25 16.23 -1.58
C TYR A 216 1.08 16.97 -0.92
N ASP A 217 1.20 18.30 -0.78
CA ASP A 217 0.08 19.13 -0.34
C ASP A 217 -0.83 19.33 -1.54
N VAL A 218 -2.00 18.71 -1.50
CA VAL A 218 -2.90 18.76 -2.64
C VAL A 218 -3.25 20.19 -3.00
N GLU A 219 -3.09 21.10 -2.04
CA GLU A 219 -3.58 22.46 -2.20
C GLU A 219 -2.49 23.46 -2.58
N THR A 220 -1.23 23.08 -2.47
CA THR A 220 -0.14 23.86 -3.02
C THR A 220 0.56 23.10 -4.15
N GLU A 221 0.18 21.85 -4.40
CA GLU A 221 0.67 21.06 -5.54
C GLU A 221 2.18 20.94 -5.53
N THR A 222 2.64 20.73 -4.17
CA THR A 222 4.09 20.64 -3.94
C THR A 222 4.46 19.43 -3.11
N TRP A 223 5.65 18.77 -3.54
CA TRP A 223 6.19 17.74 -2.67
C TRP A 223 7.23 18.38 -1.75
N THR A 224 6.97 18.35 -0.44
CA THR A 224 7.92 18.77 0.57
C THR A 224 8.31 17.58 1.44
N PHE A 225 9.60 17.47 1.74
CA PHE A 225 10.07 16.47 2.67
C PHE A 225 9.59 16.81 4.09
N VAL A 226 9.21 15.77 4.83
CA VAL A 226 9.10 15.86 6.27
C VAL A 226 10.27 15.05 6.84
N ALA A 227 10.32 14.92 8.16
CA ALA A 227 11.47 14.30 8.80
C ALA A 227 11.70 12.89 8.22
N PRO A 228 12.96 12.48 8.06
CA PRO A 228 13.25 11.11 7.60
C PRO A 228 12.82 10.05 8.61
N MET A 229 12.54 8.86 8.10
CA MET A 229 12.26 7.74 8.98
C MET A 229 13.54 7.30 9.68
N LYS A 230 13.35 6.50 10.73
CA LYS A 230 14.48 5.85 11.38
C LYS A 230 14.82 4.57 10.64
N ARG A 232 15.47 3.32 6.87
CA ARG A 232 15.42 3.04 5.44
C ARG A 232 14.58 1.81 5.20
N ARG A 233 13.79 1.77 4.11
CA ARG A 233 12.98 0.59 3.88
C ARG A 233 12.26 0.66 2.54
N SER A 234 11.98 -0.51 1.96
CA SER A 234 11.19 -0.63 0.75
C SER A 234 10.21 -1.79 0.93
N ALA A 235 9.22 -1.83 0.06
CA ALA A 235 8.12 -2.79 0.22
C ALA A 235 7.67 -2.72 1.69
N LEU A 236 7.41 -1.55 2.14
CA LEU A 236 6.95 -1.36 3.53
C LEU A 236 5.44 -1.22 3.54
N GLY A 237 4.83 -1.75 4.55
CA GLY A 237 3.43 -1.46 4.76
C GLY A 237 3.23 -0.05 5.25
N ILE A 238 2.02 0.46 5.07
CA ILE A 238 1.77 1.83 5.50
C ILE A 238 0.28 2.02 5.65
N THR A 239 -0.09 2.69 6.73
CA THR A 239 -1.50 2.93 6.99
C THR A 239 -1.59 4.13 7.91
N VAL A 240 -2.79 4.61 8.13
CA VAL A 240 -3.01 5.68 9.11
C VAL A 240 -3.83 5.13 10.26
N HIS A 241 -3.59 5.66 11.45
CA HIS A 241 -4.33 5.23 12.63
C HIS A 241 -4.29 6.36 13.63
N GLN A 242 -5.46 6.92 13.95
CA GLN A 242 -5.59 7.99 14.94
C GLN A 242 -4.69 9.16 14.60
N GLY A 243 -4.85 9.66 13.37
CA GLY A 243 -4.10 10.78 12.84
C GLY A 243 -2.60 10.57 12.70
N ARG A 244 -2.13 9.32 12.78
CA ARG A 244 -0.71 9.03 12.72
C ARG A 244 -0.45 8.02 11.61
N ILE A 245 0.71 8.17 10.97
CA ILE A 245 1.15 7.26 9.94
C ILE A 245 1.93 6.13 10.61
N TYR A 246 1.57 4.91 10.29
CA TYR A 246 2.38 3.76 10.71
C TYR A 246 2.93 3.08 9.47
N VAL A 247 4.25 2.93 9.43
CA VAL A 247 4.94 2.16 8.42
C VAL A 247 5.36 0.84 9.07
N LEU A 248 5.23 -0.24 8.32
CA LEU A 248 5.50 -1.56 8.84
C LEU A 248 6.58 -2.24 8.00
N GLY A 249 7.56 -2.82 8.68
CA GLY A 249 8.56 -3.66 8.04
C GLY A 249 9.16 -3.04 6.81
N GLY A 250 9.30 -3.84 5.76
CA GLY A 250 10.04 -3.47 4.58
C GLY A 250 11.44 -4.04 4.60
N TYR A 251 12.21 -3.66 3.57
CA TYR A 251 13.58 -4.15 3.38
C TYR A 251 14.54 -2.96 3.31
N ASP A 252 15.55 -2.96 4.19
CA ASP A 252 16.46 -1.84 4.30
C ASP A 252 17.75 -2.03 3.51
N GLY A 253 17.81 -3.05 2.65
CA GLY A 253 18.98 -3.32 1.86
C GLY A 253 19.79 -4.49 2.39
N HIS A 254 19.76 -4.73 3.69
CA HIS A 254 20.49 -5.82 4.31
C HIS A 254 19.58 -6.87 4.94
N THR A 255 18.56 -6.45 5.70
CA THR A 255 17.68 -7.39 6.39
C THR A 255 16.22 -6.99 6.18
N PHE A 256 15.34 -7.93 6.52
CA PHE A 256 13.90 -7.72 6.46
C PHE A 256 13.45 -7.23 7.83
N LEU A 257 12.96 -5.99 7.91
CA LEU A 257 12.74 -5.37 9.20
C LEU A 257 11.42 -5.83 9.80
N ASP A 258 11.46 -6.12 11.12
CA ASP A 258 10.25 -6.16 11.94
C ASP A 258 9.87 -4.77 12.45
N SER A 259 10.71 -3.78 12.19
CA SER A 259 10.50 -2.46 12.76
C SER A 259 9.21 -1.84 12.26
N VAL A 260 8.41 -1.35 13.20
CA VAL A 260 7.22 -0.55 12.91
C VAL A 260 7.50 0.86 13.38
N GLU A 261 7.38 1.83 12.47
CA GLU A 261 7.63 3.23 12.80
C GLU A 261 6.35 4.06 12.65
N CYS A 262 6.15 5.00 13.55
CA CYS A 262 4.98 5.87 13.56
C CYS A 262 5.39 7.32 13.33
N TYR A 263 4.66 8.02 12.46
CA TYR A 263 4.91 9.42 12.17
C TYR A 263 3.80 10.29 12.77
N ASP A 264 4.21 11.17 13.67
CA ASP A 264 3.31 12.18 14.28
C ASP A 264 3.47 13.49 13.51
N PRO A 265 2.46 13.90 12.73
CA PRO A 265 2.55 15.15 11.95
C PRO A 265 2.66 16.43 12.80
N ASP A 266 2.33 16.38 14.09
CA ASP A 266 2.33 17.60 14.92
C ASP A 266 3.74 17.99 15.34
N THR A 267 4.58 17.01 15.64
CA THR A 267 5.97 17.23 16.01
C THR A 267 6.93 16.93 14.87
N ASP A 268 6.44 16.46 13.72
CA ASP A 268 7.27 16.18 12.55
C ASP A 268 8.48 15.31 12.92
N THR A 269 8.18 14.18 13.57
CA THR A 269 9.18 13.19 13.94
C THR A 269 8.65 11.80 13.59
N TRP A 270 9.56 10.93 13.19
CA TRP A 270 9.34 9.49 13.09
C TRP A 270 9.85 8.83 14.35
N SER A 271 9.04 7.97 14.95
CA SER A 271 9.42 7.28 16.17
C SER A 271 9.08 5.81 16.06
N GLU A 272 10.05 4.96 16.14
CA GLU A 272 9.80 3.51 16.21
C GLU A 272 8.82 3.31 17.38
N VAL A 273 7.85 2.49 17.23
CA VAL A 273 6.70 2.39 18.14
C VAL A 273 6.35 0.96 18.50
N THR A 274 6.87 -0.02 17.78
CA THR A 274 6.74 -1.43 18.12
C THR A 274 7.61 -2.21 17.16
N ARG A 275 7.59 -3.53 17.33
CA ARG A 275 8.29 -4.45 16.46
C ARG A 275 7.33 -5.58 16.14
N MET A 276 7.35 -5.99 14.89
CA MET A 276 6.47 -7.04 14.41
C MET A 276 6.95 -8.36 15.02
N THR A 277 6.08 -9.37 15.07
CA THR A 277 6.56 -10.61 15.67
C THR A 277 7.63 -11.28 14.82
N SER A 278 7.76 -10.89 13.56
CA SER A 278 8.83 -11.31 12.68
C SER A 278 8.99 -10.22 11.62
N GLY A 279 10.20 -10.10 11.09
CA GLY A 279 10.45 -9.11 10.06
C GLY A 279 9.76 -9.50 8.76
N ARG A 280 9.21 -8.52 8.07
CA ARG A 280 8.70 -8.81 6.75
C ARG A 280 8.63 -7.54 5.94
N SER A 281 8.64 -7.71 4.62
CA SER A 281 8.32 -6.67 3.65
C SER A 281 7.25 -7.27 2.74
N GLY A 282 6.86 -6.52 1.72
CA GLY A 282 5.85 -7.01 0.82
C GLY A 282 4.50 -7.22 1.45
N VAL A 283 4.20 -6.52 2.53
CA VAL A 283 2.96 -6.78 3.27
C VAL A 283 1.85 -5.88 2.76
N GLY A 284 0.62 -6.34 2.99
CA GLY A 284 -0.55 -5.52 2.83
C GLY A 284 -1.03 -5.07 4.20
N VAL A 285 -1.39 -3.80 4.28
CA VAL A 285 -1.67 -3.17 5.57
C VAL A 285 -2.93 -2.32 5.43
N ALA A 286 -3.77 -2.38 6.44
CA ALA A 286 -4.92 -1.51 6.51
C ALA A 286 -5.37 -1.48 7.95
N VAL A 287 -6.43 -0.72 8.20
CA VAL A 287 -6.87 -0.33 9.53
C VAL A 287 -8.37 -0.43 9.58
N THR A 288 -8.92 -1.02 10.63
CA THR A 288 -10.36 -1.14 10.71
C THR A 288 -10.84 -1.48 12.13
C1 A1EJB B . 10.84 -5.73 -4.77
C10 A1EJB B . 17.22 -4.48 -4.43
C11 A1EJB B . 18.43 -5.42 -4.59
C12 A1EJB B . 19.27 -5.32 -3.30
C13 A1EJB B . 19.72 -6.68 -2.77
C14 A1EJB B . 18.56 -7.60 -2.41
C15 A1EJB B . 18.44 -8.61 -3.57
C16 A1EJB B . 15.83 -9.11 -3.36
C17 A1EJB B . 15.95 -10.01 -2.13
C18 A1EJB B . 13.53 -9.73 -1.28
C19 A1EJB B . 12.49 -10.64 -1.19
C2 A1EJB B . 10.03 -4.62 -4.79
C20 A1EJB B . 11.19 -10.21 -1.23
C21 A1EJB B . 10.91 -8.86 -1.27
C22 A1EJB B . 11.94 -7.93 -1.33
C23 A1EJB B . 13.27 -8.36 -1.32
C24 A1EJB B . 8.62 -9.43 -3.79
C25 A1EJB B . 7.35 -9.47 -4.67
C26 A1EJB B . 9.19 -6.96 -3.60
C27 A1EJB B . 8.34 -5.84 -3.58
C28 A1EJB B . 7.08 -5.88 -2.98
C29 A1EJB B . 6.27 -4.76 -2.99
C3 A1EJB B . 10.60 -3.26 -6.89
C30 A1EJB B . 6.71 -3.59 -3.60
C31 A1EJB B . 7.95 -3.54 -4.20
C32 A1EJB B . 8.77 -4.65 -4.20
C33 A1EJB B . 10.44 -6.88 -4.18
C34 A1EJB B . 14.81 -9.57 -4.37
C35 A1EJB B . 15.59 -10.31 -5.43
C36 A1EJB B . 17.09 -10.18 -5.10
C37 A1EJB B . 13.85 -3.67 -4.70
C4 A1EJB B . 9.60 -2.24 -7.40
C5 A1EJB B . 12.74 -3.49 -3.90
C6 A1EJB B . 12.61 -4.22 -2.73
C7 A1EJB B . 13.60 -5.10 -2.33
C8 A1EJB B . 14.73 -5.26 -3.13
C9 A1EJB B . 14.85 -4.55 -4.30
N1 A1EJB B . 10.58 -3.45 -5.44
N2 A1EJB B . 9.56 -1.98 -8.82
N3 A1EJB B . 17.17 -9.23 -3.96
N4 A1EJB B . 14.87 -10.26 -1.19
N5 A1EJB B . 8.91 -8.23 -3.01
N6 A1EJB B . 6.07 -9.78 -4.04
O1 A1EJB B . 8.85 -1.67 -6.68
O10 A1EJB B . 7.43 -9.28 -5.84
O2 A1EJB B . 10.49 -2.11 -3.29
O3 A1EJB B . 11.86 -1.22 -5.15
O4 A1EJB B . 16.01 -4.71 -5.10
O5 A1EJB B . 17.30 -3.54 -3.71
O6 A1EJB B . 19.38 -8.88 -4.23
O7 A1EJB B . 17.01 -10.51 -1.92
O8 A1EJB B . 8.34 -9.50 -0.85
O9 A1EJB B . 8.89 -7.11 -0.61
S1 A1EJB B . 11.39 -2.40 -4.40
S2 A1EJB B . 9.15 -8.38 -1.33
H1 A1EJB B . 11.81 -5.70 -5.24
H10 A1EJB B . 19.03 -5.10 -5.44
H9 A1EJB B . 18.10 -6.44 -4.73
H12 A1EJB B . 18.67 -4.83 -2.55
H11 A1EJB B . 20.14 -4.72 -3.51
H13 A1EJB B . 20.34 -7.16 -3.51
H14 A1EJB B . 20.32 -6.51 -1.86
H15 A1EJB B . 18.77 -8.14 -1.49
H16 A1EJB B . 17.64 -7.04 -2.30
H17 A1EJB B . 15.49 -8.12 -3.09
H19 A1EJB B . 12.71 -11.70 -1.11
H20 A1EJB B . 10.38 -10.93 -1.20
H21 A1EJB B . 11.72 -6.87 -1.39
H22 A1EJB B . 14.08 -7.65 -1.33
H23 A1EJB B . 9.45 -9.59 -4.46
H24 A1EJB B . 8.54 -10.26 -3.11
H27 A1EJB B . 6.74 -6.79 -2.50
H28 A1EJB B . 5.29 -4.80 -2.54
H3 A1EJB B . 11.60 -2.93 -7.17
H2 A1EJB B . 10.39 -4.22 -7.35
H29 A1EJB B . 6.07 -2.71 -3.59
H30 A1EJB B . 8.28 -2.62 -4.68
H31 A1EJB B . 11.09 -7.75 -4.18
H33 A1EJB B . 14.09 -10.23 -3.91
H32 A1EJB B . 14.31 -8.71 -4.81
H34 A1EJB B . 15.39 -9.88 -6.40
H35 A1EJB B . 15.29 -11.36 -5.41
H37 A1EJB B . 17.63 -9.80 -5.95
H36 A1EJB B . 17.49 -11.15 -4.80
H38 A1EJB B . 13.94 -3.14 -5.63
H6 A1EJB B . 11.72 -4.10 -2.12
H7 A1EJB B . 13.50 -5.66 -1.42
H8 A1EJB B . 15.52 -5.95 -2.82
H4 A1EJB B . 8.90 -1.32 -9.19
H5 A1EJB B . 10.19 -2.47 -9.44
H18 A1EJB B . 15.08 -10.88 -0.43
H26 A1EJB B . 5.24 -9.83 -4.59
H25 A1EJB B . 6.04 -9.95 -3.06
#